data_5Z9Y
#
_entry.id   5Z9Y
#
_cell.length_a   116.670
_cell.length_b   116.670
_cell.length_c   123.320
_cell.angle_alpha   90.000
_cell.angle_beta   90.000
_cell.angle_gamma   120.000
#
_symmetry.space_group_name_H-M   'P 61 2 2'
#
loop_
_entity.id
_entity.type
_entity.pdbx_description
1 polymer 'Thiazole synthase'
2 non-polymer 1-DEOXY-D-XYLULOSE-5-PHOSPHATE
3 water water
#
_entity_poly.entity_id   1
_entity_poly.type   'polypeptide(L)'
_entity_poly.pdbx_seq_one_letter_code
;VAESKLVIGDRSFASRLIMGTGGATNLAVLEQALIASGTELTTVAIRRVDADGGTGLLDLLNRLGITPLPNTAGSRSAAE
AVLTAQLAREALNTNWVKLEVIADERTLWPDAVELVRAAEQLVDDGFVVLPYTTDDPVLARRLEDTGCAAVMPLGSPIGT
GLGIANPHNIEMIVAGARVPVVLDAGIGTASDAALAMELGCDAVLLASAVTRAADPPAMAAAMAAAVTAGYLARCAGRIP
KRFWAQASSPAR
;
_entity_poly.pdbx_strand_id   A,B
#
# COMPACT_ATOMS: atom_id res chain seq x y z
N LYS A 5 12.87 25.67 6.90
CA LYS A 5 13.43 25.22 5.63
C LYS A 5 13.47 23.71 5.59
N LEU A 6 13.61 23.15 4.40
CA LEU A 6 13.71 21.71 4.24
C LEU A 6 15.16 21.27 4.51
N VAL A 7 15.34 20.40 5.49
CA VAL A 7 16.68 19.88 5.79
C VAL A 7 16.71 18.40 5.53
N ILE A 8 17.59 17.98 4.63
CA ILE A 8 17.83 16.56 4.37
C ILE A 8 19.31 16.34 4.45
N GLY A 9 19.72 15.37 5.28
CA GLY A 9 21.15 15.13 5.43
C GLY A 9 21.84 16.40 5.92
N ASP A 10 22.92 16.76 5.22
CA ASP A 10 23.70 17.94 5.57
C ASP A 10 23.31 19.18 4.76
N ARG A 11 22.17 19.14 4.11
CA ARG A 11 21.77 20.28 3.25
C ARG A 11 20.48 20.94 3.74
N SER A 12 20.38 22.26 3.54
CA SER A 12 19.16 23.03 3.71
C SER A 12 18.73 23.59 2.38
N PHE A 13 17.49 23.32 1.97
CA PHE A 13 16.99 23.68 0.64
C PHE A 13 15.89 24.72 0.75
N ALA A 14 15.94 25.75 -0.06
CA ALA A 14 14.91 26.79 -0.09
C ALA A 14 13.64 26.38 -0.81
N SER A 15 13.73 25.37 -1.67
CA SER A 15 12.59 24.86 -2.42
C SER A 15 12.24 23.46 -1.96
N ARG A 16 10.94 23.21 -1.79
CA ARG A 16 10.47 21.86 -1.44
C ARG A 16 10.00 21.02 -2.64
N LEU A 17 10.27 21.54 -3.86
CA LEU A 17 9.96 20.81 -5.09
C LEU A 17 11.27 20.21 -5.61
N ILE A 18 11.31 18.89 -5.69
CA ILE A 18 12.46 18.13 -6.18
C ILE A 18 12.08 17.63 -7.58
N MET A 19 12.84 18.02 -8.61
CA MET A 19 12.49 17.63 -9.97
C MET A 19 13.19 16.36 -10.38
N GLY A 20 12.52 15.62 -11.22
CA GLY A 20 13.16 14.51 -11.90
C GLY A 20 13.25 14.89 -13.38
N THR A 21 14.08 14.15 -14.10
CA THR A 21 14.32 14.43 -15.52
C THR A 21 13.81 13.31 -16.40
N GLY A 22 13.21 12.27 -15.81
CA GLY A 22 12.59 11.19 -16.58
C GLY A 22 11.52 11.75 -17.50
N GLY A 23 11.51 11.30 -18.75
CA GLY A 23 10.51 11.80 -19.70
C GLY A 23 10.91 13.04 -20.51
N ALA A 24 12.03 13.69 -20.14
CA ALA A 24 12.45 14.93 -20.79
C ALA A 24 12.60 14.71 -22.31
N THR A 25 12.00 15.60 -23.07
CA THR A 25 11.94 15.50 -24.52
C THR A 25 13.19 16.09 -25.20
N ASN A 26 13.72 17.17 -24.62
CA ASN A 26 14.94 17.79 -25.09
C ASN A 26 15.52 18.77 -24.08
N LEU A 27 16.82 19.00 -24.16
CA LEU A 27 17.50 19.71 -23.10
C LEU A 27 17.09 21.17 -23.02
N ALA A 28 16.75 21.82 -24.16
CA ALA A 28 16.41 23.22 -24.09
C ALA A 28 15.11 23.47 -23.34
N VAL A 29 14.11 22.62 -23.57
CA VAL A 29 12.83 22.78 -22.84
C VAL A 29 13.06 22.37 -21.39
N LEU A 30 13.87 21.34 -21.16
CA LEU A 30 14.13 20.89 -19.76
C LEU A 30 14.77 22.04 -19.03
N GLU A 31 15.75 22.73 -19.62
CA GLU A 31 16.33 23.92 -18.98
C GLU A 31 15.26 24.94 -18.53
N GLN A 32 14.37 25.33 -19.44
CA GLN A 32 13.31 26.30 -19.09
C GLN A 32 12.44 25.79 -17.98
N ALA A 33 12.12 24.50 -18.03
CA ALA A 33 11.28 23.89 -16.95
C ALA A 33 12.03 23.89 -15.64
N LEU A 34 13.31 23.50 -15.61
CA LEU A 34 14.05 23.50 -14.32
C LEU A 34 14.14 24.90 -13.71
N ILE A 35 14.37 25.92 -14.53
CA ILE A 35 14.42 27.29 -14.03
C ILE A 35 13.02 27.65 -13.47
N ALA A 36 11.96 27.39 -14.20
CA ALA A 36 10.60 27.75 -13.75
C ALA A 36 10.18 27.04 -12.50
N SER A 37 10.72 25.83 -12.27
CA SER A 37 10.33 25.04 -11.08
C SER A 37 10.93 25.62 -9.81
N GLY A 38 12.01 26.37 -9.90
CA GLY A 38 12.68 26.87 -8.72
C GLY A 38 13.41 25.80 -7.93
N THR A 39 13.52 24.60 -8.50
CA THR A 39 14.15 23.49 -7.76
C THR A 39 15.62 23.74 -7.47
N GLU A 40 16.08 23.14 -6.37
CA GLU A 40 17.49 23.12 -6.02
C GLU A 40 18.14 21.74 -6.12
N LEU A 41 17.32 20.73 -6.40
CA LEU A 41 17.80 19.32 -6.32
C LEU A 41 17.07 18.59 -7.44
N THR A 42 17.81 17.95 -8.37
CA THR A 42 17.18 17.28 -9.53
C THR A 42 17.79 15.90 -9.72
N THR A 43 16.89 14.87 -9.88
CA THR A 43 17.42 13.51 -10.07
C THR A 43 17.81 13.23 -11.51
N VAL A 44 18.92 12.50 -11.64
CA VAL A 44 19.45 12.13 -12.95
C VAL A 44 19.76 10.66 -12.96
N ALA A 45 19.20 9.96 -13.94
CA ALA A 45 19.43 8.50 -14.01
C ALA A 45 20.88 8.17 -14.34
N ILE A 46 21.50 7.31 -13.53
CA ILE A 46 22.91 6.97 -13.76
C ILE A 46 23.07 6.08 -14.98
N GLY A 56 25.75 16.22 -21.18
CA GLY A 56 24.56 16.98 -21.52
C GLY A 56 23.76 17.42 -20.30
N LEU A 57 23.11 16.45 -19.66
CA LEU A 57 22.25 16.73 -18.53
C LEU A 57 23.00 17.20 -17.27
N LEU A 58 24.11 16.52 -16.95
CA LEU A 58 24.91 16.97 -15.81
C LEU A 58 25.49 18.36 -16.03
N ASP A 59 25.96 18.63 -17.24
CA ASP A 59 26.45 19.95 -17.55
C ASP A 59 25.36 21.01 -17.35
N LEU A 60 24.13 20.66 -17.73
CA LEU A 60 23.02 21.60 -17.60
C LEU A 60 22.78 21.89 -16.12
N LEU A 61 22.75 20.86 -15.29
CA LEU A 61 22.53 21.12 -13.85
C LEU A 61 23.66 21.99 -13.30
N ASN A 62 24.89 21.75 -13.75
CA ASN A 62 26.02 22.57 -13.29
C ASN A 62 25.83 24.05 -13.68
N ARG A 63 25.45 24.29 -14.95
CA ARG A 63 25.23 25.65 -15.45
C ARG A 63 24.08 26.35 -14.75
N LEU A 64 23.09 25.58 -14.29
CA LEU A 64 21.96 26.18 -13.57
C LEU A 64 22.17 26.29 -12.03
N GLY A 65 23.26 25.69 -11.49
CA GLY A 65 23.44 25.80 -10.06
C GLY A 65 22.56 24.83 -9.25
N ILE A 66 22.07 23.79 -9.92
CA ILE A 66 21.19 22.77 -9.29
C ILE A 66 21.99 21.56 -8.85
N THR A 67 21.72 21.05 -7.63
CA THR A 67 22.44 19.85 -7.15
C THR A 67 21.88 18.60 -7.80
N PRO A 68 22.75 17.80 -8.43
CA PRO A 68 22.31 16.51 -8.96
C PRO A 68 22.06 15.47 -7.90
N LEU A 69 21.04 14.65 -8.14
CA LEU A 69 20.74 13.53 -7.28
C LEU A 69 20.78 12.26 -8.13
N PRO A 70 21.93 11.61 -8.16
CA PRO A 70 22.04 10.40 -8.98
C PRO A 70 20.98 9.38 -8.60
N ASN A 71 20.34 8.72 -9.55
CA ASN A 71 19.34 7.73 -9.16
C ASN A 71 19.62 6.40 -9.87
N THR A 72 19.29 5.31 -9.18
CA THR A 72 19.57 3.96 -9.64
C THR A 72 18.40 3.39 -10.47
N ALA A 73 17.68 4.26 -11.16
CA ALA A 73 16.52 3.86 -11.97
C ALA A 73 16.77 2.65 -12.85
N GLY A 74 15.74 1.82 -12.91
CA GLY A 74 15.86 0.53 -13.57
C GLY A 74 16.56 -0.61 -12.84
N SER A 75 17.17 -0.37 -11.68
CA SER A 75 17.84 -1.47 -10.98
C SER A 75 16.81 -2.53 -10.57
N ARG A 76 17.16 -3.80 -10.78
CA ARG A 76 16.25 -4.90 -10.45
C ARG A 76 16.65 -5.71 -9.21
N SER A 77 17.80 -5.41 -8.62
CA SER A 77 18.32 -6.13 -7.45
C SER A 77 19.15 -5.16 -6.59
N ALA A 78 19.35 -5.51 -5.33
CA ALA A 78 20.22 -4.72 -4.46
C ALA A 78 21.63 -4.62 -5.04
N ALA A 79 22.16 -5.74 -5.54
CA ALA A 79 23.52 -5.72 -6.05
C ALA A 79 23.65 -4.71 -7.21
N GLU A 80 22.65 -4.69 -8.07
CA GLU A 80 22.69 -3.82 -9.23
C GLU A 80 22.63 -2.37 -8.76
N ALA A 81 21.72 -2.08 -7.84
CA ALA A 81 21.63 -0.70 -7.31
C ALA A 81 22.85 -0.24 -6.58
N VAL A 82 23.43 -1.10 -5.74
CA VAL A 82 24.61 -0.73 -4.99
C VAL A 82 25.77 -0.41 -5.94
N LEU A 83 25.97 -1.27 -6.95
CA LEU A 83 27.07 -1.06 -7.88
C LEU A 83 26.85 0.23 -8.65
N THR A 84 25.63 0.47 -9.13
CA THR A 84 25.34 1.71 -9.83
C THR A 84 25.67 2.92 -8.97
N ALA A 85 25.26 2.89 -7.69
CA ALA A 85 25.51 4.03 -6.79
C ALA A 85 27.01 4.26 -6.59
N GLN A 86 27.77 3.17 -6.44
CA GLN A 86 29.22 3.30 -6.20
C GLN A 86 29.92 3.92 -7.42
N LEU A 87 29.50 3.55 -8.62
CA LEU A 87 30.07 4.11 -9.85
C LEU A 87 29.75 5.59 -9.93
N ALA A 88 28.52 5.96 -9.60
CA ALA A 88 28.12 7.37 -9.64
C ALA A 88 28.89 8.21 -8.62
N ARG A 89 29.11 7.69 -7.43
CA ARG A 89 29.80 8.46 -6.41
C ARG A 89 31.24 8.74 -6.85
N GLU A 90 31.88 7.74 -7.42
CA GLU A 90 33.24 7.90 -7.94
C GLU A 90 33.27 8.90 -9.10
N ALA A 91 32.32 8.82 -10.02
CA ALA A 91 32.40 9.69 -11.20
C ALA A 91 31.91 11.11 -10.93
N LEU A 92 30.95 11.25 -10.03
CA LEU A 92 30.26 12.51 -9.86
C LEU A 92 30.63 13.23 -8.58
N ASN A 93 31.42 12.57 -7.72
CA ASN A 93 31.88 13.21 -6.49
C ASN A 93 30.73 13.71 -5.56
N THR A 94 29.76 12.82 -5.34
CA THR A 94 28.67 13.08 -4.40
C THR A 94 28.27 11.76 -3.75
N ASN A 95 27.91 11.83 -2.47
CA ASN A 95 27.46 10.61 -1.80
C ASN A 95 25.94 10.56 -1.64
N TRP A 96 25.23 11.46 -2.33
CA TRP A 96 23.75 11.44 -2.33
C TRP A 96 23.25 10.45 -3.39
N VAL A 97 22.17 9.73 -3.10
CA VAL A 97 21.61 8.83 -4.12
C VAL A 97 20.12 8.66 -3.90
N LYS A 98 19.37 8.69 -5.00
CA LYS A 98 17.99 8.27 -5.00
C LYS A 98 17.99 6.78 -5.28
N LEU A 99 17.59 6.00 -4.30
CA LEU A 99 17.66 4.57 -4.39
C LEU A 99 16.33 3.99 -4.87
N GLU A 100 16.36 3.36 -6.05
CA GLU A 100 15.21 2.78 -6.74
C GLU A 100 15.56 1.32 -7.03
N VAL A 101 14.80 0.39 -6.50
CA VAL A 101 14.94 -1.04 -6.83
C VAL A 101 13.51 -1.49 -7.17
N ILE A 102 13.33 -1.98 -8.40
CA ILE A 102 12.01 -2.22 -9.01
C ILE A 102 11.82 -3.72 -9.18
N ALA A 103 10.62 -4.22 -8.92
CA ALA A 103 10.41 -5.66 -9.04
C ALA A 103 9.85 -5.99 -10.40
N ASP A 104 9.18 -5.03 -11.01
CA ASP A 104 8.30 -5.30 -12.11
C ASP A 104 8.34 -4.18 -13.15
N GLU A 105 8.37 -4.49 -14.44
CA GLU A 105 8.36 -3.43 -15.46
C GLU A 105 6.95 -2.89 -15.80
N ARG A 106 5.91 -3.66 -15.54
CA ARG A 106 4.57 -3.18 -15.85
C ARG A 106 4.13 -2.09 -14.85
N THR A 107 4.62 -2.26 -13.64
CA THR A 107 4.12 -1.50 -12.50
C THR A 107 5.15 -0.50 -12.01
N LEU A 108 6.43 -0.68 -12.40
CA LEU A 108 7.57 -0.01 -11.77
C LEU A 108 7.39 0.03 -10.24
N TRP A 109 6.88 -1.09 -9.72
CA TRP A 109 6.60 -1.17 -8.26
C TRP A 109 7.87 -1.50 -7.48
N PRO A 110 8.10 -0.83 -6.35
CA PRO A 110 9.31 -1.16 -5.59
C PRO A 110 9.43 -2.65 -5.17
N ASP A 111 10.67 -3.16 -5.16
CA ASP A 111 10.97 -4.48 -4.52
C ASP A 111 11.41 -4.19 -3.10
N ALA A 112 10.48 -4.36 -2.15
CA ALA A 112 10.77 -3.91 -0.76
C ALA A 112 11.94 -4.67 -0.13
N VAL A 113 12.05 -5.95 -0.47
CA VAL A 113 13.10 -6.77 0.16
C VAL A 113 14.48 -6.30 -0.32
N GLU A 114 14.61 -6.15 -1.62
CA GLU A 114 15.88 -5.72 -2.18
C GLU A 114 16.17 -4.25 -1.88
N LEU A 115 15.09 -3.43 -1.78
CA LEU A 115 15.28 -2.03 -1.38
C LEU A 115 15.96 -1.91 -0.02
N VAL A 116 15.44 -2.65 0.98
CA VAL A 116 15.99 -2.53 2.34
C VAL A 116 17.45 -3.06 2.37
N ARG A 117 17.69 -4.16 1.65
CA ARG A 117 19.06 -4.69 1.57
C ARG A 117 20.03 -3.64 0.98
N ALA A 118 19.64 -3.03 -0.14
CA ALA A 118 20.47 -1.98 -0.78
C ALA A 118 20.69 -0.79 0.16
N ALA A 119 19.63 -0.36 0.85
CA ALA A 119 19.74 0.80 1.75
C ALA A 119 20.71 0.48 2.88
N GLU A 120 20.62 -0.71 3.45
CA GLU A 120 21.59 -1.08 4.48
C GLU A 120 23.03 -0.97 3.98
N GLN A 121 23.28 -1.53 2.81
CA GLN A 121 24.64 -1.50 2.25
C GLN A 121 25.10 -0.08 1.97
N LEU A 122 24.24 0.73 1.36
CA LEU A 122 24.65 2.08 1.00
C LEU A 122 24.82 2.99 2.21
N VAL A 123 23.97 2.85 3.24
CA VAL A 123 24.17 3.61 4.47
C VAL A 123 25.52 3.22 5.14
N ASP A 124 25.79 1.91 5.15
CA ASP A 124 27.07 1.40 5.71
C ASP A 124 28.28 1.94 4.89
N ASP A 125 28.08 2.17 3.58
CA ASP A 125 29.15 2.71 2.71
C ASP A 125 29.26 4.24 2.72
N GLY A 126 28.49 4.93 3.57
CA GLY A 126 28.57 6.38 3.72
C GLY A 126 27.71 7.20 2.77
N PHE A 127 26.68 6.59 2.15
CA PHE A 127 25.79 7.38 1.31
C PHE A 127 24.66 8.11 2.08
N VAL A 128 24.21 9.23 1.52
CA VAL A 128 22.95 9.92 1.94
C VAL A 128 21.87 9.31 1.05
N VAL A 129 21.05 8.43 1.61
CA VAL A 129 20.15 7.57 0.84
C VAL A 129 18.70 8.08 0.89
N LEU A 130 18.09 8.32 -0.28
CA LEU A 130 16.66 8.75 -0.39
C LEU A 130 15.94 7.67 -1.16
N PRO A 131 15.18 6.83 -0.48
CA PRO A 131 14.60 5.63 -1.11
C PRO A 131 13.22 5.86 -1.70
N TYR A 132 13.00 5.40 -2.94
CA TYR A 132 11.67 5.30 -3.54
C TYR A 132 10.99 4.08 -2.91
N THR A 133 9.90 4.37 -2.18
CA THR A 133 9.23 3.29 -1.46
C THR A 133 7.74 3.31 -1.69
N THR A 134 7.08 2.29 -1.14
CA THR A 134 5.62 2.23 -1.22
C THR A 134 4.96 3.04 -0.12
N ASP A 135 3.63 2.91 0.04
CA ASP A 135 2.98 3.61 1.17
C ASP A 135 2.83 2.72 2.40
N ASP A 136 3.62 1.68 2.51
CA ASP A 136 3.62 0.80 3.67
C ASP A 136 4.30 1.51 4.88
N PRO A 137 3.58 1.68 5.97
CA PRO A 137 4.15 2.44 7.10
C PRO A 137 5.21 1.63 7.83
N VAL A 138 5.13 0.29 7.90
CA VAL A 138 6.19 -0.47 8.51
C VAL A 138 7.51 -0.36 7.69
N LEU A 139 7.40 -0.45 6.36
CA LEU A 139 8.57 -0.31 5.50
C LEU A 139 9.16 1.09 5.63
N ALA A 140 8.32 2.13 5.74
CA ALA A 140 8.91 3.46 5.92
C ALA A 140 9.65 3.59 7.23
N ARG A 141 9.12 2.99 8.32
CA ARG A 141 9.86 3.03 9.61
C ARG A 141 11.16 2.19 9.51
N ARG A 142 11.11 1.06 8.80
CA ARG A 142 12.35 0.26 8.63
C ARG A 142 13.42 1.03 7.85
N LEU A 143 13.01 1.77 6.79
CA LEU A 143 14.04 2.51 6.00
C LEU A 143 14.64 3.64 6.84
N GLU A 144 13.80 4.30 7.65
CA GLU A 144 14.31 5.33 8.53
C GLU A 144 15.25 4.74 9.57
N ASP A 145 14.85 3.64 10.20
CA ASP A 145 15.70 2.99 11.21
C ASP A 145 17.04 2.51 10.60
N THR A 146 17.02 2.14 9.32
CA THR A 146 18.21 1.68 8.56
C THR A 146 19.22 2.84 8.44
N GLY A 147 18.71 4.09 8.42
CA GLY A 147 19.58 5.28 8.27
C GLY A 147 19.35 6.10 7.01
N CYS A 148 18.25 5.87 6.32
CA CYS A 148 17.93 6.73 5.16
C CYS A 148 17.70 8.17 5.64
N ALA A 149 18.07 9.14 4.79
CA ALA A 149 17.97 10.55 5.14
C ALA A 149 16.57 11.13 4.94
N ALA A 150 15.73 10.40 4.21
CA ALA A 150 14.32 10.77 4.01
C ALA A 150 13.62 9.45 3.71
N VAL A 151 12.32 9.45 3.63
CA VAL A 151 11.61 8.32 3.04
C VAL A 151 10.70 8.91 1.97
N MET A 152 10.62 8.24 0.83
CA MET A 152 9.86 8.84 -0.33
C MET A 152 8.77 7.88 -0.83
N PRO A 153 7.64 7.86 -0.13
CA PRO A 153 6.50 7.02 -0.54
C PRO A 153 5.82 7.51 -1.81
N LEU A 154 5.47 6.56 -2.65
CA LEU A 154 4.85 6.89 -3.94
C LEU A 154 3.43 7.38 -3.70
N GLY A 155 2.98 8.29 -4.56
CA GLY A 155 1.57 8.64 -4.54
C GLY A 155 0.76 7.66 -5.38
N SER A 156 1.26 7.38 -6.60
CA SER A 156 0.70 6.34 -7.48
C SER A 156 1.90 5.92 -8.33
N PRO A 157 1.74 4.86 -9.18
CA PRO A 157 2.93 4.37 -9.88
C PRO A 157 3.51 5.43 -10.87
N ILE A 158 4.81 5.32 -11.07
CA ILE A 158 5.59 6.27 -11.88
C ILE A 158 4.92 6.50 -13.23
N GLY A 159 4.72 7.79 -13.50
CA GLY A 159 4.19 8.16 -14.80
C GLY A 159 2.74 7.99 -15.04
N THR A 160 1.97 7.53 -14.03
CA THR A 160 0.54 7.28 -14.28
C THR A 160 -0.34 8.53 -14.16
N GLY A 161 0.17 9.56 -13.49
CA GLY A 161 -0.63 10.76 -13.30
C GLY A 161 -1.86 10.59 -12.45
N LEU A 162 -1.91 9.52 -11.64
CA LEU A 162 -3.13 9.26 -10.90
C LEU A 162 -3.20 10.01 -9.59
N GLY A 163 -2.15 10.73 -9.18
CA GLY A 163 -2.26 11.51 -7.96
C GLY A 163 -1.95 10.69 -6.70
N ILE A 164 -2.54 11.07 -5.56
CA ILE A 164 -2.22 10.40 -4.28
C ILE A 164 -3.33 9.37 -4.03
N ALA A 165 -3.03 8.12 -4.33
CA ALA A 165 -4.05 7.05 -4.28
C ALA A 165 -4.50 6.75 -2.86
N ASN A 166 -3.59 6.89 -1.90
CA ASN A 166 -3.92 6.53 -0.51
C ASN A 166 -3.51 7.61 0.51
N PRO A 167 -4.27 8.70 0.60
CA PRO A 167 -3.88 9.81 1.51
C PRO A 167 -3.81 9.31 2.92
N HIS A 168 -4.61 8.35 3.33
CA HIS A 168 -4.50 7.91 4.72
C HIS A 168 -3.19 7.26 5.02
N ASN A 169 -2.66 6.42 4.13
CA ASN A 169 -1.35 5.84 4.45
C ASN A 169 -0.25 6.92 4.45
N ILE A 170 -0.36 7.92 3.58
CA ILE A 170 0.66 9.03 3.62
C ILE A 170 0.57 9.68 5.01
N GLU A 171 -0.63 9.94 5.52
CA GLU A 171 -0.77 10.57 6.84
C GLU A 171 -0.19 9.65 7.93
N MET A 172 -0.36 8.33 7.81
CA MET A 172 0.24 7.40 8.79
C MET A 172 1.75 7.51 8.74
N ILE A 173 2.34 7.61 7.56
CA ILE A 173 3.80 7.69 7.47
C ILE A 173 4.28 8.99 8.08
N VAL A 174 3.57 10.08 7.83
CA VAL A 174 3.96 11.40 8.38
C VAL A 174 3.92 11.34 9.90
N ALA A 175 2.90 10.67 10.46
CA ALA A 175 2.74 10.62 11.92
C ALA A 175 3.87 9.87 12.63
N GLY A 176 4.34 8.81 12.03
CA GLY A 176 5.37 8.02 12.58
C GLY A 176 6.80 8.34 12.08
N ALA A 177 7.03 9.49 11.40
CA ALA A 177 8.36 9.82 10.86
C ALA A 177 9.22 10.79 11.68
N ARG A 178 10.53 10.52 11.64
CA ARG A 178 11.55 11.39 12.23
C ARG A 178 12.58 11.86 11.20
N VAL A 179 12.36 11.57 9.91
CA VAL A 179 13.10 12.11 8.77
C VAL A 179 12.06 12.69 7.82
N PRO A 180 12.49 13.56 6.91
CA PRO A 180 11.52 14.13 5.96
C PRO A 180 10.85 13.06 5.10
N VAL A 181 9.57 13.31 4.82
CA VAL A 181 8.74 12.45 3.98
C VAL A 181 8.51 13.18 2.65
N VAL A 182 8.95 12.56 1.53
CA VAL A 182 8.81 13.15 0.17
C VAL A 182 7.78 12.33 -0.58
N LEU A 183 6.72 12.99 -1.07
CA LEU A 183 5.82 12.26 -1.99
C LEU A 183 6.51 12.15 -3.36
N ASP A 184 6.79 10.93 -3.87
CA ASP A 184 7.72 10.75 -5.02
C ASP A 184 7.34 10.13 -6.37
N ALA A 185 6.09 10.05 -6.67
CA ALA A 185 5.73 9.42 -7.97
C ALA A 185 4.24 9.58 -8.14
N GLY A 186 3.81 9.72 -9.38
CA GLY A 186 2.39 9.62 -9.72
C GLY A 186 1.68 10.95 -9.73
N ILE A 187 2.37 12.05 -9.40
CA ILE A 187 1.72 13.35 -9.48
C ILE A 187 1.23 13.58 -10.92
N GLY A 188 0.02 14.10 -11.06
CA GLY A 188 -0.50 14.46 -12.40
C GLY A 188 -0.76 15.94 -12.65
N THR A 189 -1.10 16.68 -11.57
CA THR A 189 -1.45 18.10 -11.73
C THR A 189 -1.24 18.84 -10.45
N ALA A 190 -1.42 20.16 -10.50
CA ALA A 190 -1.02 21.01 -9.34
C ALA A 190 -1.73 20.65 -8.06
N SER A 191 -3.02 20.40 -8.11
CA SER A 191 -3.76 20.11 -6.85
C SER A 191 -3.20 18.86 -6.16
N ASP A 192 -2.66 17.89 -6.91
CA ASP A 192 -2.05 16.69 -6.30
C ASP A 192 -0.84 17.11 -5.44
N ALA A 193 -0.01 17.99 -5.97
CA ALA A 193 1.21 18.40 -5.23
C ALA A 193 0.80 19.20 -4.04
N ALA A 194 -0.17 20.11 -4.16
CA ALA A 194 -0.65 20.83 -2.99
C ALA A 194 -1.17 19.85 -1.95
N LEU A 195 -1.95 18.85 -2.34
CA LEU A 195 -2.51 17.88 -1.40
C LEU A 195 -1.38 17.18 -0.66
N ALA A 196 -0.31 16.81 -1.35
CA ALA A 196 0.78 16.12 -0.66
C ALA A 196 1.27 16.90 0.51
N MET A 197 1.46 18.20 0.29
CA MET A 197 1.94 19.07 1.37
C MET A 197 0.92 19.24 2.47
N GLU A 198 -0.36 19.29 2.12
CA GLU A 198 -1.43 19.40 3.11
C GLU A 198 -1.49 18.18 3.99
N LEU A 199 -1.08 17.03 3.46
CA LEU A 199 -1.07 15.79 4.26
C LEU A 199 0.13 15.73 5.19
N GLY A 200 1.05 16.69 5.02
CA GLY A 200 2.19 16.74 5.88
C GLY A 200 3.49 16.30 5.28
N CYS A 201 3.57 16.07 3.98
CA CYS A 201 4.86 15.75 3.40
C CYS A 201 5.79 16.96 3.50
N ASP A 202 7.11 16.71 3.58
CA ASP A 202 8.08 17.82 3.58
C ASP A 202 8.47 18.33 2.21
N ALA A 203 8.19 17.51 1.17
CA ALA A 203 8.62 17.88 -0.19
C ALA A 203 7.85 16.99 -1.16
N VAL A 204 7.93 17.35 -2.44
CA VAL A 204 7.31 16.54 -3.52
C VAL A 204 8.38 16.32 -4.56
N LEU A 205 8.49 15.09 -5.08
CA LEU A 205 9.40 14.80 -6.19
C LEU A 205 8.53 14.42 -7.38
N LEU A 206 8.75 15.08 -8.52
CA LEU A 206 7.96 14.72 -9.71
C LEU A 206 8.79 14.92 -10.95
N ALA A 207 8.39 14.19 -11.98
CA ALA A 207 9.06 14.32 -13.30
C ALA A 207 7.97 14.32 -14.39
N SER A 208 7.28 13.19 -14.63
CA SER A 208 6.36 13.06 -15.78
C SER A 208 5.37 14.17 -15.92
N ALA A 209 4.76 14.60 -14.82
CA ALA A 209 3.70 15.63 -14.95
C ALA A 209 4.18 16.89 -15.61
N VAL A 210 5.47 17.20 -15.43
CA VAL A 210 6.11 18.32 -16.13
C VAL A 210 6.73 17.93 -17.44
N THR A 211 7.57 16.89 -17.47
CA THR A 211 8.33 16.63 -18.71
C THR A 211 7.42 16.17 -19.87
N ARG A 212 6.26 15.59 -19.57
CA ARG A 212 5.31 15.15 -20.63
C ARG A 212 4.08 16.04 -20.78
N ALA A 213 4.07 17.18 -20.09
CA ALA A 213 3.01 18.15 -20.29
C ALA A 213 3.09 18.77 -21.68
N ALA A 214 1.96 19.30 -22.16
CA ALA A 214 2.06 20.04 -23.45
C ALA A 214 3.00 21.24 -23.37
N ASP A 215 3.08 21.87 -22.19
CA ASP A 215 3.91 23.07 -21.97
C ASP A 215 4.67 22.83 -20.68
N PRO A 216 5.79 22.12 -20.79
CA PRO A 216 6.53 21.80 -19.53
C PRO A 216 6.94 23.00 -18.67
N PRO A 217 7.43 24.10 -19.24
CA PRO A 217 7.84 25.21 -18.33
C PRO A 217 6.62 25.82 -17.59
N ALA A 218 5.45 25.90 -18.23
CA ALA A 218 4.23 26.37 -17.52
C ALA A 218 3.85 25.39 -16.44
N MET A 219 3.94 24.08 -16.72
CA MET A 219 3.55 23.14 -15.68
C MET A 219 4.58 23.16 -14.56
N ALA A 220 5.86 23.40 -14.86
CA ALA A 220 6.85 23.50 -13.76
C ALA A 220 6.53 24.70 -12.87
N ALA A 221 6.17 25.83 -13.45
CA ALA A 221 5.80 27.00 -12.65
C ALA A 221 4.55 26.66 -11.83
N ALA A 222 3.62 25.91 -12.42
CA ALA A 222 2.41 25.51 -11.67
C ALA A 222 2.78 24.64 -10.47
N MET A 223 3.72 23.71 -10.63
CA MET A 223 4.10 22.84 -9.50
C MET A 223 4.87 23.62 -8.45
N ALA A 224 5.72 24.58 -8.80
CA ALA A 224 6.39 25.41 -7.78
C ALA A 224 5.33 26.10 -6.97
N ALA A 225 4.35 26.71 -7.62
CA ALA A 225 3.30 27.40 -6.88
C ALA A 225 2.46 26.45 -6.02
N ALA A 226 2.22 25.25 -6.54
CA ALA A 226 1.39 24.27 -5.82
C ALA A 226 2.04 23.79 -4.56
N VAL A 227 3.36 23.51 -4.64
CA VAL A 227 4.09 23.08 -3.43
C VAL A 227 4.12 24.19 -2.39
N THR A 228 4.38 25.42 -2.79
CA THR A 228 4.27 26.54 -1.88
C THR A 228 2.87 26.65 -1.26
N ALA A 229 1.83 26.54 -2.08
CA ALA A 229 0.45 26.70 -1.64
C ALA A 229 0.12 25.64 -0.61
N GLY A 230 0.43 24.37 -0.87
CA GLY A 230 0.10 23.32 0.11
C GLY A 230 0.92 23.42 1.39
N TYR A 231 2.18 23.84 1.27
CA TYR A 231 2.98 23.97 2.50
C TYR A 231 2.42 25.12 3.36
N LEU A 232 2.15 26.26 2.78
CA LEU A 232 1.56 27.38 3.56
C LEU A 232 0.23 26.98 4.13
N ALA A 233 -0.61 26.25 3.38
CA ALA A 233 -1.92 25.88 3.93
C ALA A 233 -1.74 24.93 5.10
N ARG A 234 -0.78 24.02 5.01
CA ARG A 234 -0.51 23.08 6.13
C ARG A 234 -0.15 23.85 7.41
N CYS A 235 0.62 24.88 7.22
CA CYS A 235 1.17 25.63 8.38
C CYS A 235 0.11 26.57 8.95
N ALA A 236 -0.86 26.97 8.14
CA ALA A 236 -1.75 28.08 8.51
C ALA A 236 -3.01 27.66 9.25
N GLY A 237 -3.25 26.36 9.43
CA GLY A 237 -4.34 25.96 10.33
C GLY A 237 -5.72 26.06 9.69
N ARG A 238 -5.98 25.15 8.76
CA ARG A 238 -7.25 25.25 8.05
C ARG A 238 -8.51 25.10 8.92
N ILE A 239 -9.64 25.57 8.39
CA ILE A 239 -10.95 25.53 9.09
C ILE A 239 -11.46 24.11 9.15
N PRO A 240 -12.24 23.78 10.19
CA PRO A 240 -12.77 22.41 10.24
C PRO A 240 -13.84 22.21 9.17
N LYS A 241 -14.02 20.98 8.73
CA LYS A 241 -15.16 20.64 7.88
C LYS A 241 -16.44 20.56 8.69
N ARG A 242 -17.49 21.16 8.18
CA ARG A 242 -18.78 21.05 8.87
C ARG A 242 -19.92 20.70 7.93
N PHE A 243 -20.89 19.96 8.44
CA PHE A 243 -22.02 19.52 7.60
C PHE A 243 -22.93 20.71 7.21
N TRP A 244 -23.28 21.54 8.18
CA TRP A 244 -24.22 22.64 7.89
C TRP A 244 -23.47 23.96 7.68
N ALA A 245 -24.03 24.91 6.92
CA ALA A 245 -23.30 26.16 6.66
C ALA A 245 -23.01 26.96 7.93
N LYS B 5 -19.07 -21.59 -7.28
CA LYS B 5 -18.76 -21.41 -5.86
C LYS B 5 -17.38 -20.80 -5.69
N LEU B 6 -17.13 -20.21 -4.52
CA LEU B 6 -15.77 -19.85 -4.14
C LEU B 6 -15.01 -21.15 -3.90
N VAL B 7 -13.88 -21.35 -4.56
CA VAL B 7 -13.02 -22.53 -4.35
C VAL B 7 -11.69 -22.07 -3.75
N ILE B 8 -11.34 -22.54 -2.54
CA ILE B 8 -10.03 -22.26 -1.96
C ILE B 8 -9.46 -23.60 -1.57
N GLY B 9 -8.28 -23.94 -2.08
CA GLY B 9 -7.70 -25.23 -1.72
C GLY B 9 -8.66 -26.34 -2.18
N ASP B 10 -8.95 -27.21 -1.24
CA ASP B 10 -9.72 -28.39 -1.44
C ASP B 10 -11.19 -28.27 -1.01
N ARG B 11 -11.65 -27.02 -0.81
CA ARG B 11 -13.03 -26.82 -0.36
C ARG B 11 -13.75 -25.75 -1.19
N SER B 12 -15.08 -25.77 -1.20
CA SER B 12 -15.86 -24.77 -1.88
C SER B 12 -16.94 -24.24 -0.98
N PHE B 13 -17.37 -23.02 -1.30
CA PHE B 13 -18.34 -22.30 -0.48
C PHE B 13 -19.33 -21.56 -1.38
N ALA B 14 -20.63 -21.72 -1.13
CA ALA B 14 -21.59 -20.96 -1.92
C ALA B 14 -21.61 -19.51 -1.45
N SER B 15 -21.35 -19.26 -0.15
CA SER B 15 -21.25 -17.87 0.30
C SER B 15 -19.86 -17.34 0.16
N ARG B 16 -19.74 -16.14 -0.42
CA ARG B 16 -18.45 -15.45 -0.54
C ARG B 16 -18.18 -14.46 0.59
N LEU B 17 -18.95 -14.55 1.68
CA LEU B 17 -18.75 -13.71 2.88
C LEU B 17 -18.12 -14.59 3.93
N ILE B 18 -16.89 -14.26 4.31
CA ILE B 18 -16.17 -14.97 5.37
C ILE B 18 -16.27 -14.13 6.63
N MET B 19 -16.73 -14.70 7.74
CA MET B 19 -16.85 -13.90 9.00
C MET B 19 -15.72 -14.09 9.94
N GLY B 20 -15.39 -13.03 10.63
CA GLY B 20 -14.53 -13.08 11.82
C GLY B 20 -15.43 -13.00 13.05
N THR B 21 -14.92 -13.44 14.20
CA THR B 21 -15.65 -13.44 15.45
C THR B 21 -15.16 -12.37 16.46
N GLY B 22 -14.02 -11.73 16.19
CA GLY B 22 -13.48 -10.71 17.10
C GLY B 22 -14.40 -9.53 17.25
N GLY B 23 -14.49 -9.01 18.47
CA GLY B 23 -15.39 -7.90 18.76
C GLY B 23 -16.78 -8.32 19.22
N ALA B 24 -17.09 -9.61 19.15
CA ALA B 24 -18.44 -10.08 19.46
C ALA B 24 -18.77 -9.89 20.95
N THR B 25 -19.94 -9.31 21.26
CA THR B 25 -20.32 -9.06 22.66
C THR B 25 -20.57 -10.37 23.43
N ASN B 26 -21.43 -11.21 22.86
CA ASN B 26 -21.81 -12.47 23.46
C ASN B 26 -22.26 -13.48 22.41
N LEU B 27 -22.31 -14.74 22.82
CA LEU B 27 -22.58 -15.83 21.88
C LEU B 27 -23.98 -15.81 21.28
N ALA B 28 -24.99 -15.32 22.01
CA ALA B 28 -26.34 -15.35 21.47
C ALA B 28 -26.43 -14.37 20.27
N VAL B 29 -25.91 -13.16 20.46
CA VAL B 29 -25.91 -12.21 19.34
C VAL B 29 -25.04 -12.74 18.22
N LEU B 30 -23.86 -13.28 18.56
CA LEU B 30 -22.99 -13.81 17.51
C LEU B 30 -23.70 -14.93 16.72
N GLU B 31 -24.40 -15.83 17.39
CA GLU B 31 -25.20 -16.81 16.66
C GLU B 31 -26.19 -16.18 15.67
N GLN B 32 -26.93 -15.16 16.10
CA GLN B 32 -27.90 -14.54 15.20
CA GLN B 32 -27.88 -14.47 15.23
C GLN B 32 -27.15 -13.89 14.03
N ALA B 33 -25.99 -13.28 14.30
CA ALA B 33 -25.25 -12.62 13.19
C ALA B 33 -24.71 -13.70 12.23
N LEU B 34 -24.19 -14.81 12.76
CA LEU B 34 -23.62 -15.82 11.86
C LEU B 34 -24.69 -16.41 10.97
N ILE B 35 -25.87 -16.68 11.52
CA ILE B 35 -26.95 -17.19 10.71
C ILE B 35 -27.38 -16.15 9.66
N ALA B 36 -27.53 -14.88 10.05
CA ALA B 36 -27.95 -13.84 9.09
C ALA B 36 -26.94 -13.62 7.98
N SER B 37 -25.64 -13.81 8.28
CA SER B 37 -24.60 -13.59 7.28
C SER B 37 -24.62 -14.65 6.20
N GLY B 38 -25.21 -15.83 6.44
CA GLY B 38 -25.12 -16.91 5.45
C GLY B 38 -23.74 -17.51 5.32
N THR B 39 -22.79 -17.13 6.17
CA THR B 39 -21.40 -17.58 6.01
C THR B 39 -21.27 -19.10 6.13
N GLU B 40 -20.27 -19.66 5.47
CA GLU B 40 -19.90 -21.07 5.66
C GLU B 40 -18.49 -21.20 6.20
N LEU B 41 -17.81 -20.09 6.48
CA LEU B 41 -16.38 -20.13 6.84
C LEU B 41 -16.16 -18.99 7.84
N THR B 42 -15.73 -19.29 9.07
CA THR B 42 -15.58 -18.25 10.09
C THR B 42 -14.26 -18.38 10.85
N THR B 43 -13.54 -17.25 11.02
CA THR B 43 -12.25 -17.31 11.71
C THR B 43 -12.41 -17.33 13.21
N VAL B 44 -11.49 -18.04 13.84
CA VAL B 44 -11.47 -18.16 15.30
C VAL B 44 -10.03 -18.03 15.75
N ALA B 45 -9.80 -17.21 16.77
CA ALA B 45 -8.43 -17.02 17.31
C ALA B 45 -8.02 -18.13 18.23
N ILE B 46 -6.78 -18.55 18.10
CA ILE B 46 -6.25 -19.61 18.97
C ILE B 46 -5.47 -19.05 20.16
N GLY B 56 -17.61 -23.97 23.32
CA GLY B 56 -18.60 -22.91 23.35
C GLY B 56 -18.76 -22.26 21.97
N LEU B 57 -17.78 -21.44 21.60
CA LEU B 57 -17.73 -20.91 20.24
C LEU B 57 -17.58 -22.03 19.21
N LEU B 58 -16.68 -22.98 19.43
CA LEU B 58 -16.55 -24.09 18.48
C LEU B 58 -17.80 -24.93 18.37
N ASP B 59 -18.44 -25.16 19.50
CA ASP B 59 -19.68 -25.92 19.50
C ASP B 59 -20.74 -25.20 18.68
N LEU B 60 -20.78 -23.87 18.76
CA LEU B 60 -21.73 -23.10 18.00
C LEU B 60 -21.47 -23.23 16.51
N LEU B 61 -20.19 -23.13 16.10
CA LEU B 61 -19.91 -23.28 14.65
C LEU B 61 -20.31 -24.65 14.18
N ASN B 62 -20.04 -25.67 15.00
CA ASN B 62 -20.42 -27.04 14.64
C ASN B 62 -21.93 -27.20 14.46
N ARG B 63 -22.69 -26.69 15.43
CA ARG B 63 -24.13 -26.70 15.37
C ARG B 63 -24.68 -25.95 14.14
N LEU B 64 -24.05 -24.82 13.78
CA LEU B 64 -24.49 -24.10 12.60
C LEU B 64 -23.97 -24.63 11.23
N GLY B 65 -23.12 -25.68 11.29
CA GLY B 65 -22.46 -26.20 10.08
C GLY B 65 -21.43 -25.29 9.40
N ILE B 66 -20.78 -24.46 10.20
CA ILE B 66 -19.84 -23.49 9.70
C ILE B 66 -18.41 -24.04 9.88
N THR B 67 -17.61 -23.97 8.83
CA THR B 67 -16.19 -24.41 8.88
C THR B 67 -15.36 -23.41 9.68
N PRO B 68 -14.62 -23.86 10.71
CA PRO B 68 -13.76 -22.93 11.45
C PRO B 68 -12.46 -22.69 10.71
N LEU B 69 -11.97 -21.47 10.77
CA LEU B 69 -10.72 -21.11 10.14
C LEU B 69 -9.82 -20.53 11.22
N PRO B 70 -8.94 -21.36 11.80
CA PRO B 70 -8.13 -20.81 12.88
C PRO B 70 -7.22 -19.67 12.43
N ASN B 71 -7.05 -18.65 13.22
CA ASN B 71 -6.11 -17.60 12.82
C ASN B 71 -5.04 -17.36 13.86
N THR B 72 -3.87 -16.92 13.41
CA THR B 72 -2.72 -16.78 14.27
C THR B 72 -2.65 -15.38 14.90
N ALA B 73 -3.83 -14.82 15.20
CA ALA B 73 -3.99 -13.45 15.73
C ALA B 73 -2.91 -13.00 16.67
N GLY B 74 -2.44 -11.78 16.42
CA GLY B 74 -1.45 -11.18 17.30
C GLY B 74 -0.02 -11.73 17.35
N SER B 75 0.29 -12.79 16.59
CA SER B 75 1.65 -13.29 16.42
C SER B 75 2.61 -12.17 15.98
N ARG B 76 3.73 -12.00 16.65
CA ARG B 76 4.67 -10.92 16.29
C ARG B 76 5.91 -11.34 15.52
N SER B 77 6.02 -12.62 15.16
CA SER B 77 7.16 -13.13 14.43
C SER B 77 6.72 -14.38 13.68
N ALA B 78 7.51 -14.75 12.66
CA ALA B 78 7.21 -16.00 11.97
C ALA B 78 7.21 -17.17 12.97
N ALA B 79 8.19 -17.20 13.88
CA ALA B 79 8.27 -18.34 14.79
C ALA B 79 7.01 -18.47 15.62
N GLU B 80 6.50 -17.34 16.12
CA GLU B 80 5.30 -17.39 16.93
C GLU B 80 4.08 -17.82 16.11
N ALA B 81 3.97 -17.32 14.88
CA ALA B 81 2.81 -17.66 14.05
C ALA B 81 2.81 -19.16 13.67
N VAL B 82 4.00 -19.68 13.38
CA VAL B 82 4.12 -21.09 13.03
C VAL B 82 3.76 -21.96 14.22
N LEU B 83 4.24 -21.60 15.42
CA LEU B 83 3.87 -22.42 16.60
C LEU B 83 2.36 -22.33 16.85
N THR B 84 1.79 -21.12 16.73
CA THR B 84 0.35 -21.03 16.91
C THR B 84 -0.47 -21.87 15.90
N ALA B 85 -0.01 -21.90 14.66
CA ALA B 85 -0.62 -22.75 13.65
C ALA B 85 -0.53 -24.24 14.00
N GLN B 86 0.63 -24.64 14.55
CA GLN B 86 0.80 -26.05 14.99
C GLN B 86 -0.19 -26.38 16.08
N LEU B 87 -0.38 -25.43 17.01
CA LEU B 87 -1.35 -25.62 18.08
C LEU B 87 -2.78 -25.74 17.53
N ALA B 88 -3.11 -24.85 16.57
CA ALA B 88 -4.43 -24.83 15.95
C ALA B 88 -4.76 -26.12 15.25
N ARG B 89 -3.79 -26.66 14.49
CA ARG B 89 -4.05 -27.89 13.81
C ARG B 89 -4.40 -29.01 14.81
N GLU B 90 -3.73 -29.06 15.97
CA GLU B 90 -4.12 -30.05 16.97
C GLU B 90 -5.44 -29.73 17.61
N ALA B 91 -5.67 -28.46 17.92
CA ALA B 91 -6.90 -28.04 18.67
C ALA B 91 -8.17 -28.26 17.81
N LEU B 92 -8.05 -28.03 16.51
CA LEU B 92 -9.23 -28.04 15.63
C LEU B 92 -9.24 -29.13 14.59
N ASN B 93 -8.19 -29.96 14.54
CA ASN B 93 -8.11 -31.05 13.58
C ASN B 93 -8.33 -30.55 12.13
N THR B 94 -7.57 -29.53 11.75
CA THR B 94 -7.66 -28.95 10.43
C THR B 94 -6.28 -28.44 10.01
N ASN B 95 -5.98 -28.46 8.72
CA ASN B 95 -4.75 -27.88 8.20
C ASN B 95 -4.98 -26.53 7.54
N TRP B 96 -6.17 -25.94 7.73
CA TRP B 96 -6.41 -24.57 7.23
C TRP B 96 -5.96 -23.55 8.24
N VAL B 97 -5.38 -22.44 7.77
CA VAL B 97 -4.98 -21.40 8.73
C VAL B 97 -5.04 -20.03 8.07
N LYS B 98 -5.61 -19.06 8.79
CA LYS B 98 -5.47 -17.66 8.42
C LYS B 98 -4.21 -17.13 9.10
N LEU B 99 -3.24 -16.85 8.26
CA LEU B 99 -1.91 -16.51 8.74
C LEU B 99 -1.78 -15.02 8.92
N GLU B 100 -1.58 -14.60 10.16
CA GLU B 100 -1.43 -13.17 10.50
C GLU B 100 -0.09 -12.99 11.24
N VAL B 101 0.84 -12.18 10.70
CA VAL B 101 2.07 -11.85 11.40
C VAL B 101 2.14 -10.33 11.46
N ILE B 102 2.07 -9.75 12.68
CA ILE B 102 1.92 -8.30 12.87
C ILE B 102 3.25 -7.64 13.29
N ALA B 103 3.59 -6.55 12.61
CA ALA B 103 4.83 -5.81 12.88
C ALA B 103 4.58 -4.78 13.96
N ASP B 104 3.35 -4.34 14.06
CA ASP B 104 3.00 -3.49 15.18
C ASP B 104 1.57 -3.14 15.27
N GLU B 105 1.24 -2.99 16.52
CA GLU B 105 -0.14 -3.02 16.91
C GLU B 105 -0.86 -1.71 16.74
N ARG B 106 -0.10 -0.63 16.55
CA ARG B 106 -0.76 0.63 16.31
C ARG B 106 -1.51 0.71 14.97
N THR B 107 -0.97 0.07 13.91
CA THR B 107 -1.59 0.01 12.62
C THR B 107 -2.10 -1.41 12.31
N LEU B 108 -1.72 -2.39 13.15
CA LEU B 108 -1.98 -3.82 12.91
C LEU B 108 -1.53 -4.21 11.53
N TRP B 109 -0.45 -3.60 11.07
CA TRP B 109 0.05 -3.87 9.73
C TRP B 109 0.82 -5.18 9.68
N PRO B 110 0.64 -5.93 8.58
CA PRO B 110 1.49 -7.11 8.38
C PRO B 110 2.98 -6.82 8.41
N ASP B 111 3.77 -7.76 8.94
CA ASP B 111 5.23 -7.76 8.77
C ASP B 111 5.56 -8.56 7.52
N ALA B 112 5.83 -7.90 6.39
CA ALA B 112 5.93 -8.62 5.10
C ALA B 112 7.02 -9.70 5.09
N VAL B 113 8.20 -9.45 5.69
CA VAL B 113 9.27 -10.45 5.62
C VAL B 113 8.95 -11.66 6.49
N GLU B 114 8.44 -11.40 7.70
CA GLU B 114 8.10 -12.50 8.57
C GLU B 114 6.88 -13.27 8.08
N LEU B 115 5.94 -12.56 7.43
CA LEU B 115 4.76 -13.22 6.86
C LEU B 115 5.18 -14.25 5.79
N VAL B 116 6.07 -13.84 4.89
CA VAL B 116 6.47 -14.74 3.84
C VAL B 116 7.27 -15.91 4.45
N ARG B 117 8.14 -15.63 5.41
CA ARG B 117 8.89 -16.76 6.03
C ARG B 117 7.95 -17.76 6.71
N ALA B 118 6.92 -17.27 7.42
CA ALA B 118 5.98 -18.19 8.04
C ALA B 118 5.19 -18.95 7.01
N ALA B 119 4.82 -18.26 5.92
CA ALA B 119 4.08 -18.91 4.84
C ALA B 119 4.88 -20.04 4.24
N GLU B 120 6.18 -19.82 4.02
CA GLU B 120 7.05 -20.93 3.49
C GLU B 120 7.02 -22.16 4.41
N GLN B 121 7.16 -21.91 5.70
CA GLN B 121 7.22 -23.02 6.64
C GLN B 121 5.91 -23.76 6.70
N LEU B 122 4.81 -23.02 6.65
CA LEU B 122 3.52 -23.67 6.84
C LEU B 122 3.06 -24.40 5.59
N VAL B 123 3.34 -23.81 4.42
CA VAL B 123 3.07 -24.54 3.17
C VAL B 123 3.91 -25.83 3.17
N ASP B 124 5.17 -25.74 3.57
CA ASP B 124 6.04 -26.97 3.58
C ASP B 124 5.51 -28.04 4.55
N ASP B 125 4.87 -27.63 5.64
CA ASP B 125 4.28 -28.57 6.62
C ASP B 125 2.85 -28.97 6.24
N GLY B 126 2.43 -28.61 5.05
CA GLY B 126 1.16 -29.14 4.54
C GLY B 126 -0.09 -28.37 4.98
N PHE B 127 0.05 -27.08 5.31
CA PHE B 127 -1.12 -26.29 5.57
C PHE B 127 -1.71 -25.65 4.33
N VAL B 128 -3.01 -25.38 4.37
CA VAL B 128 -3.71 -24.53 3.39
C VAL B 128 -3.63 -23.13 4.00
N VAL B 129 -2.81 -22.25 3.42
CA VAL B 129 -2.47 -20.97 4.09
C VAL B 129 -3.22 -19.83 3.40
N LEU B 130 -3.92 -19.01 4.19
CA LEU B 130 -4.68 -17.87 3.69
C LEU B 130 -4.06 -16.66 4.39
N PRO B 131 -3.20 -15.91 3.72
CA PRO B 131 -2.39 -14.88 4.43
C PRO B 131 -3.06 -13.52 4.43
N TYR B 132 -3.06 -12.89 5.61
CA TYR B 132 -3.46 -11.48 5.74
C TYR B 132 -2.28 -10.66 5.27
N THR B 133 -2.52 -9.91 4.21
CA THR B 133 -1.43 -9.15 3.62
C THR B 133 -1.82 -7.69 3.34
N THR B 134 -0.82 -6.92 2.87
CA THR B 134 -1.10 -5.54 2.50
C THR B 134 -1.69 -5.45 1.10
N ASP B 135 -1.91 -4.22 0.57
CA ASP B 135 -2.31 -4.10 -0.83
C ASP B 135 -1.15 -4.02 -1.80
N ASP B 136 0.00 -4.46 -1.37
CA ASP B 136 1.18 -4.46 -2.23
C ASP B 136 1.12 -5.58 -3.25
N PRO B 137 1.17 -5.28 -4.57
CA PRO B 137 1.03 -6.37 -5.53
C PRO B 137 2.26 -7.28 -5.64
N VAL B 138 3.48 -6.78 -5.31
CA VAL B 138 4.64 -7.62 -5.37
C VAL B 138 4.63 -8.60 -4.19
N LEU B 139 4.22 -8.14 -3.03
CA LEU B 139 4.07 -9.06 -1.89
C LEU B 139 3.00 -10.14 -2.18
N ALA B 140 1.92 -9.75 -2.85
CA ALA B 140 0.88 -10.74 -3.18
C ALA B 140 1.44 -11.80 -4.12
N ARG B 141 2.28 -11.38 -5.09
CA ARG B 141 2.95 -12.33 -5.96
C ARG B 141 3.89 -13.23 -5.18
N ARG B 142 4.65 -12.69 -4.21
CA ARG B 142 5.56 -13.52 -3.38
C ARG B 142 4.78 -14.59 -2.62
N LEU B 143 3.63 -14.18 -2.07
CA LEU B 143 2.85 -15.17 -1.28
C LEU B 143 2.26 -16.26 -2.16
N GLU B 144 1.80 -15.88 -3.34
CA GLU B 144 1.28 -16.89 -4.27
C GLU B 144 2.40 -17.83 -4.71
N ASP B 145 3.57 -17.29 -5.00
CA ASP B 145 4.72 -18.11 -5.40
C ASP B 145 5.20 -19.05 -4.30
N THR B 146 4.95 -18.67 -3.06
CA THR B 146 5.25 -19.53 -1.93
C THR B 146 4.31 -20.76 -1.76
N GLY B 147 3.14 -20.70 -2.38
CA GLY B 147 2.19 -21.77 -2.28
C GLY B 147 0.93 -21.50 -1.50
N CYS B 148 0.69 -20.23 -1.18
CA CYS B 148 -0.55 -19.92 -0.43
C CYS B 148 -1.76 -20.18 -1.27
N ALA B 149 -2.85 -20.55 -0.61
CA ALA B 149 -4.09 -20.95 -1.28
C ALA B 149 -4.99 -19.77 -1.67
N ALA B 150 -4.64 -18.60 -1.19
CA ALA B 150 -5.34 -17.35 -1.48
C ALA B 150 -4.38 -16.23 -1.16
N VAL B 151 -4.76 -14.97 -1.52
CA VAL B 151 -4.09 -13.83 -0.92
C VAL B 151 -5.18 -12.95 -0.36
N MET B 152 -4.95 -12.37 0.81
CA MET B 152 -6.02 -11.60 1.45
C MET B 152 -5.56 -10.17 1.79
N PRO B 153 -5.63 -9.28 0.80
CA PRO B 153 -5.16 -7.93 1.04
C PRO B 153 -6.16 -7.14 1.88
N LEU B 154 -5.63 -6.26 2.73
CA LEU B 154 -6.48 -5.38 3.51
C LEU B 154 -7.07 -4.27 2.62
N GLY B 155 -8.25 -3.84 2.98
CA GLY B 155 -8.88 -2.68 2.35
C GLY B 155 -8.38 -1.38 3.03
N SER B 156 -8.42 -1.41 4.37
CA SER B 156 -7.93 -0.31 5.21
C SER B 156 -7.57 -1.05 6.54
N PRO B 157 -6.99 -0.30 7.51
CA PRO B 157 -6.53 -1.06 8.67
C PRO B 157 -7.68 -1.66 9.50
N ILE B 158 -7.35 -2.77 10.14
CA ILE B 158 -8.34 -3.55 10.91
C ILE B 158 -9.09 -2.64 11.85
N GLY B 159 -10.41 -2.75 11.77
CA GLY B 159 -11.25 -2.08 12.74
C GLY B 159 -11.54 -0.64 12.47
N THR B 160 -10.93 -0.09 11.40
CA THR B 160 -11.14 1.34 11.16
C THR B 160 -12.43 1.73 10.42
N GLY B 161 -13.01 0.75 9.72
CA GLY B 161 -14.23 1.06 8.97
C GLY B 161 -14.06 2.04 7.82
N LEU B 162 -12.83 2.20 7.31
CA LEU B 162 -12.53 3.20 6.27
C LEU B 162 -12.81 2.66 4.89
N GLY B 163 -13.15 1.39 4.74
CA GLY B 163 -13.49 0.89 3.38
C GLY B 163 -12.26 0.53 2.57
N ILE B 164 -12.37 0.68 1.26
CA ILE B 164 -11.26 0.27 0.38
C ILE B 164 -10.45 1.49 0.02
N ALA B 165 -9.33 1.69 0.71
CA ALA B 165 -8.55 2.92 0.55
C ALA B 165 -7.88 3.05 -0.83
N ASN B 166 -7.46 1.90 -1.40
CA ASN B 166 -6.70 2.02 -2.65
C ASN B 166 -7.25 0.99 -3.68
N PRO B 167 -8.38 1.36 -4.30
CA PRO B 167 -8.97 0.42 -5.26
C PRO B 167 -8.00 0.08 -6.39
N HIS B 168 -7.19 1.03 -6.86
CA HIS B 168 -6.26 0.69 -7.93
C HIS B 168 -5.34 -0.47 -7.50
N ASN B 169 -4.82 -0.48 -6.28
CA ASN B 169 -3.90 -1.58 -5.90
C ASN B 169 -4.67 -2.89 -5.77
N ILE B 170 -5.93 -2.84 -5.27
CA ILE B 170 -6.71 -4.07 -5.29
C ILE B 170 -6.86 -4.60 -6.71
N GLU B 171 -7.16 -3.73 -7.67
CA GLU B 171 -7.26 -4.18 -9.06
C GLU B 171 -5.92 -4.72 -9.59
N MET B 172 -4.80 -4.15 -9.16
CA MET B 172 -3.50 -4.76 -9.60
C MET B 172 -3.36 -6.18 -9.04
N ILE B 173 -3.74 -6.39 -7.77
CA ILE B 173 -3.60 -7.72 -7.18
C ILE B 173 -4.54 -8.71 -7.90
N VAL B 174 -5.79 -8.31 -8.15
CA VAL B 174 -6.73 -9.17 -8.90
C VAL B 174 -6.17 -9.51 -10.28
N ALA B 175 -5.55 -8.54 -10.96
CA ALA B 175 -5.00 -8.78 -12.29
C ALA B 175 -3.85 -9.80 -12.24
N GLY B 176 -3.07 -9.80 -11.19
CA GLY B 176 -1.86 -10.65 -11.10
C GLY B 176 -2.07 -12.00 -10.47
N ALA B 177 -3.27 -12.26 -9.97
CA ALA B 177 -3.43 -13.43 -9.09
C ALA B 177 -3.91 -14.66 -9.87
N ARG B 178 -3.36 -15.81 -9.51
CA ARG B 178 -3.82 -17.10 -10.01
C ARG B 178 -4.42 -17.93 -8.86
N VAL B 179 -4.59 -17.31 -7.68
CA VAL B 179 -5.39 -17.88 -6.58
C VAL B 179 -6.44 -16.84 -6.15
N PRO B 180 -7.44 -17.23 -5.36
CA PRO B 180 -8.46 -16.26 -4.93
C PRO B 180 -7.94 -15.10 -4.12
N VAL B 181 -8.55 -13.94 -4.38
CA VAL B 181 -8.26 -12.70 -3.66
C VAL B 181 -9.40 -12.37 -2.75
N VAL B 182 -9.08 -12.26 -1.45
CA VAL B 182 -10.10 -12.00 -0.41
C VAL B 182 -9.84 -10.64 0.24
N LEU B 183 -10.74 -9.69 0.07
CA LEU B 183 -10.54 -8.38 0.76
C LEU B 183 -10.78 -8.62 2.27
N ASP B 184 -9.77 -8.39 3.13
CA ASP B 184 -10.01 -8.84 4.51
C ASP B 184 -9.79 -8.00 5.73
N ALA B 185 -9.94 -6.71 5.58
CA ALA B 185 -9.84 -5.79 6.74
C ALA B 185 -10.38 -4.46 6.31
N GLY B 186 -10.98 -3.72 7.22
CA GLY B 186 -11.27 -2.30 7.00
C GLY B 186 -12.69 -2.02 6.51
N ILE B 187 -13.47 -3.07 6.17
CA ILE B 187 -14.83 -2.80 5.72
C ILE B 187 -15.62 -2.08 6.79
N GLY B 188 -16.39 -1.09 6.37
CA GLY B 188 -17.24 -0.37 7.32
C GLY B 188 -18.74 -0.55 7.05
N THR B 189 -19.14 -0.67 5.79
CA THR B 189 -20.61 -0.73 5.47
C THR B 189 -20.80 -1.48 4.16
N ALA B 190 -22.08 -1.66 3.82
CA ALA B 190 -22.40 -2.59 2.71
C ALA B 190 -21.81 -2.18 1.38
N SER B 191 -21.84 -0.89 1.06
CA SER B 191 -21.29 -0.47 -0.24
C SER B 191 -19.82 -0.76 -0.33
N ASP B 192 -19.06 -0.80 0.79
CA ASP B 192 -17.65 -1.18 0.70
C ASP B 192 -17.43 -2.63 0.28
N ALA B 193 -18.27 -3.53 0.77
CA ALA B 193 -18.18 -4.96 0.44
C ALA B 193 -18.62 -5.17 -1.00
N ALA B 194 -19.65 -4.44 -1.45
CA ALA B 194 -20.04 -4.52 -2.87
C ALA B 194 -18.92 -4.03 -3.76
N LEU B 195 -18.27 -2.93 -3.35
CA LEU B 195 -17.16 -2.40 -4.16
C LEU B 195 -16.03 -3.41 -4.25
N ALA B 196 -15.67 -4.08 -3.13
CA ALA B 196 -14.63 -5.11 -3.23
C ALA B 196 -14.88 -6.14 -4.30
N MET B 197 -16.14 -6.61 -4.38
CA MET B 197 -16.48 -7.63 -5.41
C MET B 197 -16.45 -6.97 -6.80
N GLU B 198 -16.90 -5.71 -6.92
CA GLU B 198 -16.82 -5.05 -8.20
C GLU B 198 -15.42 -4.91 -8.74
N LEU B 199 -14.45 -4.80 -7.83
CA LEU B 199 -13.04 -4.70 -8.21
C LEU B 199 -12.47 -6.04 -8.57
N GLY B 200 -13.26 -7.13 -8.42
CA GLY B 200 -12.81 -8.44 -8.82
C GLY B 200 -12.35 -9.37 -7.70
N CYS B 201 -12.56 -8.98 -6.44
CA CYS B 201 -12.23 -9.95 -5.39
C CYS B 201 -13.16 -11.14 -5.46
N ASP B 202 -12.66 -12.28 -5.01
CA ASP B 202 -13.44 -13.50 -4.99
C ASP B 202 -14.32 -13.63 -3.73
N ALA B 203 -13.93 -12.88 -2.68
CA ALA B 203 -14.64 -12.96 -1.39
C ALA B 203 -14.29 -11.77 -0.53
N VAL B 204 -15.08 -11.59 0.56
CA VAL B 204 -14.78 -10.51 1.52
C VAL B 204 -14.76 -11.17 2.88
N LEU B 205 -13.74 -10.80 3.68
CA LEU B 205 -13.67 -11.27 5.09
C LEU B 205 -13.82 -10.05 5.99
N LEU B 206 -14.74 -10.13 6.95
CA LEU B 206 -14.90 -8.98 7.84
C LEU B 206 -15.33 -9.46 9.21
N ALA B 207 -15.03 -8.59 10.18
CA ALA B 207 -15.48 -8.84 11.53
C ALA B 207 -16.09 -7.58 12.14
N SER B 208 -15.25 -6.54 12.37
CA SER B 208 -15.72 -5.32 13.10
C SER B 208 -17.00 -4.74 12.61
N ALA B 209 -17.17 -4.62 11.31
CA ALA B 209 -18.34 -3.92 10.79
C ALA B 209 -19.64 -4.56 11.21
N VAL B 210 -19.56 -5.88 11.50
CA VAL B 210 -20.73 -6.62 11.99
C VAL B 210 -20.72 -6.72 13.50
N THR B 211 -19.62 -7.20 14.10
CA THR B 211 -19.62 -7.48 15.55
C THR B 211 -19.70 -6.22 16.38
N ARG B 212 -19.29 -5.05 15.87
CA ARG B 212 -19.38 -3.80 16.63
C ARG B 212 -20.47 -2.90 16.14
N ALA B 213 -21.27 -3.38 15.16
CA ALA B 213 -22.43 -2.59 14.72
C ALA B 213 -23.49 -2.47 15.84
N ALA B 214 -24.34 -1.46 15.78
CA ALA B 214 -25.36 -1.35 16.84
C ALA B 214 -26.28 -2.58 16.74
N ASP B 215 -26.54 -3.11 15.54
CA ASP B 215 -27.45 -4.29 15.32
C ASP B 215 -26.70 -5.34 14.48
N PRO B 216 -25.86 -6.17 15.10
CA PRO B 216 -24.98 -7.07 14.33
C PRO B 216 -25.75 -7.98 13.37
N PRO B 217 -26.88 -8.57 13.77
CA PRO B 217 -27.53 -9.47 12.78
C PRO B 217 -28.06 -8.70 11.57
N ALA B 218 -28.54 -7.47 11.73
CA ALA B 218 -28.96 -6.70 10.57
C ALA B 218 -27.77 -6.37 9.68
N MET B 219 -26.66 -5.96 10.27
CA MET B 219 -25.51 -5.63 9.41
C MET B 219 -25.01 -6.91 8.74
N ALA B 220 -25.07 -8.05 9.42
CA ALA B 220 -24.61 -9.33 8.77
C ALA B 220 -25.45 -9.61 7.54
N ALA B 221 -26.79 -9.49 7.65
CA ALA B 221 -27.69 -9.66 6.50
C ALA B 221 -27.34 -8.63 5.44
N ALA B 222 -26.99 -7.40 5.85
CA ALA B 222 -26.63 -6.38 4.85
C ALA B 222 -25.38 -6.83 4.07
N MET B 223 -24.39 -7.33 4.80
CA MET B 223 -23.11 -7.70 4.14
C MET B 223 -23.35 -8.93 3.24
N ALA B 224 -24.19 -9.89 3.64
CA ALA B 224 -24.48 -11.02 2.76
C ALA B 224 -25.07 -10.52 1.44
N ALA B 225 -26.01 -9.60 1.51
CA ALA B 225 -26.63 -9.06 0.31
C ALA B 225 -25.61 -8.26 -0.50
N ALA B 226 -24.73 -7.50 0.19
CA ALA B 226 -23.78 -6.67 -0.55
C ALA B 226 -22.77 -7.44 -1.33
N VAL B 227 -22.28 -8.53 -0.72
CA VAL B 227 -21.33 -9.38 -1.42
C VAL B 227 -21.97 -10.04 -2.63
N THR B 228 -23.21 -10.54 -2.48
CA THR B 228 -23.96 -11.04 -3.65
C THR B 228 -24.11 -9.96 -4.74
N ALA B 229 -24.43 -8.74 -4.30
CA ALA B 229 -24.70 -7.63 -5.25
C ALA B 229 -23.44 -7.33 -6.03
N GLY B 230 -22.28 -7.15 -5.37
CA GLY B 230 -21.05 -6.74 -6.06
C GLY B 230 -20.62 -7.87 -6.97
N TYR B 231 -20.77 -9.13 -6.55
CA TYR B 231 -20.35 -10.27 -7.44
C TYR B 231 -21.21 -10.31 -8.70
N LEU B 232 -22.53 -10.20 -8.56
CA LEU B 232 -23.38 -10.20 -9.77
C LEU B 232 -23.09 -8.98 -10.66
N ALA B 233 -22.81 -7.83 -10.02
CA ALA B 233 -22.51 -6.67 -10.85
C ALA B 233 -21.22 -6.83 -11.62
N ARG B 234 -20.20 -7.40 -10.99
CA ARG B 234 -18.91 -7.67 -11.67
C ARG B 234 -19.14 -8.56 -12.87
N CYS B 235 -20.05 -9.51 -12.73
CA CYS B 235 -20.30 -10.50 -13.80
C CYS B 235 -21.22 -9.99 -14.89
N ALA B 236 -21.88 -8.85 -14.69
CA ALA B 236 -22.94 -8.46 -15.60
C ALA B 236 -22.58 -7.44 -16.66
N GLY B 237 -21.36 -6.90 -16.60
CA GLY B 237 -20.92 -6.01 -17.67
C GLY B 237 -21.54 -4.62 -17.56
N ARG B 238 -21.16 -3.86 -16.56
CA ARG B 238 -21.77 -2.56 -16.31
C ARG B 238 -21.56 -1.55 -17.44
N ILE B 239 -22.45 -0.59 -17.44
CA ILE B 239 -22.41 0.44 -18.49
C ILE B 239 -21.18 1.32 -18.36
N PRO B 240 -20.70 1.89 -19.48
CA PRO B 240 -19.56 2.80 -19.37
C PRO B 240 -19.97 4.11 -18.73
N LYS B 241 -18.98 4.82 -18.17
CA LYS B 241 -19.26 6.17 -17.63
C LYS B 241 -19.20 7.16 -18.76
N ARG B 242 -20.12 8.10 -18.78
CA ARG B 242 -20.20 9.14 -19.82
C ARG B 242 -20.25 10.49 -19.19
N PHE B 243 -19.80 11.51 -19.90
CA PHE B 243 -19.84 12.88 -19.37
C PHE B 243 -21.22 13.52 -19.52
N TRP B 244 -21.84 13.40 -20.69
CA TRP B 244 -23.14 13.98 -20.91
C TRP B 244 -24.24 12.93 -20.80
N ALA B 245 -25.47 13.39 -20.57
CA ALA B 245 -26.57 12.45 -20.43
C ALA B 245 -26.82 11.61 -21.67
N GLN B 246 -27.38 10.43 -21.47
CA GLN B 246 -27.74 9.56 -22.59
C GLN B 246 -29.17 9.07 -22.38
N ALA B 247 -30.11 9.46 -23.22
CA ALA B 247 -31.50 9.14 -22.90
C ALA B 247 -31.79 7.64 -22.99
#